data_6GGG
#
_entry.id   6GGG
#
_cell.length_a   75.729
_cell.length_b   75.729
_cell.length_c   121.238
_cell.angle_alpha   90.00
_cell.angle_beta   90.00
_cell.angle_gamma   90.00
#
_symmetry.space_group_name_H-M   'P 41 21 2'
#
loop_
_entity.id
_entity.type
_entity.pdbx_description
1 polymer 'Mineralocorticoid receptor'
2 polymer 'NCOA1 peptide'
3 non-polymer 'CHLORIDE ION'
4 non-polymer 2-[(3~{S})-7-fluoranyl-6-(2-methylpropyl)-4-[(3-oxidanylidene-4~{H}-1,4-benzoxazin-6-yl)carbonyl]-2,3-dihydro-1,4-benzoxazin-3-yl]-~{N}-methyl-ethanamide
5 water water
#
loop_
_entity_poly.entity_id
_entity_poly.type
_entity_poly.pdbx_seq_one_letter_code
_entity_poly.pdbx_strand_id
1 'polypeptide(L)'
;MHNHNHNHNHNHNGGENLYFQGTPSPVMVLENIEPEIVYAGYDSSKPDTAENLLSTLNRLAGKQMIQVVKWAKVLPGFKN
LPLEDQITLIQYSWMSLLSFALSWRSYKHTNSQFLYFAPDLVFNEEKMHQSAMYELCQGMHQISLQFVRLQLTFEEYTIM
KVLLLLSTIPKDGLKSQAAFEEMRTNYIKELRKMVTKSPNNSGQSWQRFYQLTKLLDSMHDLVSDLLEFCFYTFRESHAL
KVEFPAMLVEIISDQLPKVESGNAKPLYFHRKGGSLVPRGSGGGSGGSGGPQAQQKSLLQQLLTE
;
A
2 'polypeptide(L)' PQAQQKSLLQQLLTE B
#
# COMPACT_ATOMS: atom_id res chain seq x y z
N ILE A 37 8.85 10.67 -9.56
CA ILE A 37 8.48 9.78 -10.67
C ILE A 37 9.55 8.67 -10.81
N VAL A 38 9.24 7.44 -10.35
CA VAL A 38 10.24 6.36 -10.42
C VAL A 38 10.01 5.54 -11.69
N TYR A 39 11.06 5.42 -12.53
CA TYR A 39 11.07 4.62 -13.76
C TYR A 39 11.39 3.17 -13.46
N ALA A 40 10.82 2.24 -14.24
CA ALA A 40 11.01 0.79 -14.07
C ALA A 40 12.29 0.27 -14.70
N GLY A 41 12.75 0.94 -15.76
CA GLY A 41 13.92 0.51 -16.52
C GLY A 41 13.64 -0.81 -17.22
N TYR A 42 12.39 -0.99 -17.69
CA TYR A 42 11.86 -2.18 -18.34
C TYR A 42 12.67 -2.56 -19.60
N ASP A 43 13.49 -3.62 -19.48
CA ASP A 43 14.38 -4.12 -20.55
C ASP A 43 13.59 -4.81 -21.66
N LYS A 46 15.36 -8.17 -22.78
CA LYS A 46 15.17 -9.41 -22.02
C LYS A 46 13.80 -10.06 -22.31
N PRO A 47 13.69 -11.41 -22.29
CA PRO A 47 12.39 -12.05 -22.61
C PRO A 47 11.28 -11.73 -21.64
N ASP A 48 10.04 -11.62 -22.15
CA ASP A 48 8.86 -11.31 -21.35
C ASP A 48 8.38 -12.57 -20.61
N THR A 49 8.93 -12.76 -19.39
CA THR A 49 8.58 -13.89 -18.53
C THR A 49 8.03 -13.35 -17.22
N ALA A 50 7.26 -14.17 -16.49
CA ALA A 50 6.71 -13.80 -15.19
C ALA A 50 7.85 -13.50 -14.20
N GLU A 51 8.91 -14.33 -14.19
CA GLU A 51 10.09 -14.15 -13.33
C GLU A 51 10.73 -12.75 -13.54
N ASN A 52 10.97 -12.38 -14.81
CA ASN A 52 11.59 -11.11 -15.17
C ASN A 52 10.71 -9.91 -14.85
N LEU A 53 9.39 -10.04 -15.09
CA LEU A 53 8.46 -8.98 -14.72
C LEU A 53 8.47 -8.76 -13.20
N LEU A 54 8.40 -9.85 -12.41
CA LEU A 54 8.41 -9.74 -10.94
C LEU A 54 9.70 -9.10 -10.41
N SER A 55 10.87 -9.50 -10.97
CA SER A 55 12.16 -8.91 -10.60
C SER A 55 12.17 -7.40 -10.88
N THR A 56 11.65 -6.99 -12.05
CA THR A 56 11.53 -5.56 -12.41
C THR A 56 10.62 -4.82 -11.41
N LEU A 57 9.45 -5.40 -11.10
CA LEU A 57 8.52 -4.80 -10.14
C LEU A 57 9.15 -4.70 -8.75
N ASN A 58 9.92 -5.71 -8.31
CA ASN A 58 10.54 -5.68 -6.97
C ASN A 58 11.59 -4.59 -6.85
N ARG A 59 12.41 -4.43 -7.89
CA ARG A 59 13.44 -3.38 -8.00
C ARG A 59 12.72 -2.03 -7.93
N LEU A 60 11.63 -1.88 -8.70
CA LEU A 60 10.83 -0.65 -8.70
C LEU A 60 10.20 -0.40 -7.31
N ALA A 61 9.62 -1.44 -6.69
CA ALA A 61 9.00 -1.34 -5.34
C ALA A 61 10.03 -0.87 -4.30
N GLY A 62 11.28 -1.37 -4.38
CA GLY A 62 12.34 -0.94 -3.45
C GLY A 62 12.65 0.54 -3.58
N LYS A 63 12.69 1.05 -4.83
CA LYS A 63 12.95 2.46 -5.08
C LYS A 63 11.76 3.30 -4.62
N GLN A 64 10.52 2.84 -4.89
CA GLN A 64 9.32 3.54 -4.41
C GLN A 64 9.32 3.59 -2.88
N MET A 65 9.77 2.50 -2.22
CA MET A 65 9.82 2.45 -0.75
C MET A 65 10.74 3.50 -0.10
N ILE A 66 11.84 3.88 -0.79
CA ILE A 66 12.71 4.95 -0.31
C ILE A 66 11.85 6.24 -0.22
N GLN A 67 11.00 6.50 -1.25
CA GLN A 67 10.09 7.66 -1.25
C GLN A 67 9.02 7.56 -0.15
N VAL A 68 8.45 6.37 0.06
CA VAL A 68 7.41 6.17 1.08
C VAL A 68 7.97 6.50 2.50
N VAL A 69 9.18 6.04 2.80
CA VAL A 69 9.79 6.26 4.11
C VAL A 69 10.04 7.76 4.35
N LYS A 70 10.50 8.47 3.30
CA LYS A 70 10.74 9.91 3.38
C LYS A 70 9.45 10.68 3.61
N TRP A 71 8.33 10.18 3.03
CA TRP A 71 7.00 10.76 3.17
C TRP A 71 6.50 10.51 4.61
N ALA A 72 6.63 9.26 5.09
CA ALA A 72 6.17 8.87 6.43
C ALA A 72 6.90 9.64 7.56
N LYS A 73 8.24 9.79 7.43
CA LYS A 73 9.16 10.44 8.38
C LYS A 73 8.68 11.81 8.84
N VAL A 74 8.06 12.62 7.93
CA VAL A 74 7.62 14.00 8.23
C VAL A 74 6.09 14.14 8.43
N LEU A 75 5.35 13.03 8.44
CA LEU A 75 3.91 13.01 8.65
C LEU A 75 3.55 13.45 10.07
N PRO A 76 2.66 14.47 10.25
CA PRO A 76 2.28 14.88 11.61
C PRO A 76 1.75 13.69 12.42
N GLY A 77 2.18 13.60 13.68
CA GLY A 77 1.83 12.52 14.60
C GLY A 77 2.75 11.31 14.52
N PHE A 78 3.04 10.84 13.31
CA PHE A 78 3.88 9.65 13.07
C PHE A 78 5.29 9.92 13.51
N LYS A 79 5.77 11.12 13.14
CA LYS A 79 7.09 11.60 13.43
C LYS A 79 7.40 11.49 14.93
N ASN A 80 6.35 11.57 15.79
CA ASN A 80 6.39 11.50 17.24
C ASN A 80 6.40 10.09 17.83
N LEU A 81 5.89 9.08 17.08
CA LEU A 81 5.88 7.67 17.54
C LEU A 81 7.31 7.16 17.79
N PRO A 82 7.52 6.21 18.73
CA PRO A 82 8.89 5.67 18.91
C PRO A 82 9.35 4.97 17.63
N LEU A 83 10.68 4.95 17.42
CA LEU A 83 11.28 4.35 16.23
C LEU A 83 10.81 2.91 15.96
N GLU A 84 10.72 2.05 17.01
CA GLU A 84 10.27 0.67 16.80
C GLU A 84 8.85 0.61 16.22
N ASP A 85 7.95 1.52 16.66
CA ASP A 85 6.57 1.60 16.16
C ASP A 85 6.53 2.09 14.72
N GLN A 86 7.36 3.11 14.38
CA GLN A 86 7.42 3.63 13.00
C GLN A 86 7.85 2.51 12.03
N ILE A 87 8.85 1.71 12.46
CA ILE A 87 9.34 0.59 11.67
C ILE A 87 8.24 -0.47 11.56
N THR A 88 7.61 -0.83 12.70
CA THR A 88 6.52 -1.84 12.69
C THR A 88 5.41 -1.50 11.69
N LEU A 89 4.94 -0.26 11.72
CA LEU A 89 3.85 0.21 10.87
C LEU A 89 4.21 0.17 9.40
N ILE A 90 5.44 0.62 9.06
CA ILE A 90 5.86 0.58 7.64
C ILE A 90 6.00 -0.89 7.17
N GLN A 91 6.55 -1.76 8.04
CA GLN A 91 6.75 -3.17 7.65
C GLN A 91 5.42 -3.89 7.45
N TYR A 92 4.38 -3.49 8.19
CA TYR A 92 3.09 -4.14 7.94
C TYR A 92 2.36 -3.56 6.71
N SER A 93 2.49 -2.26 6.45
N SER A 93 2.48 -2.23 6.49
CA SER A 93 1.67 -1.60 5.43
CA SER A 93 1.69 -1.48 5.51
C SER A 93 2.34 -1.21 4.14
C SER A 93 2.34 -1.19 4.15
N TRP A 94 3.62 -1.54 3.96
CA TRP A 94 4.33 -1.17 2.72
C TRP A 94 3.56 -1.55 1.44
N MET A 95 3.06 -2.80 1.36
CA MET A 95 2.35 -3.25 0.15
C MET A 95 1.05 -2.44 -0.06
N SER A 96 0.35 -2.11 1.03
N SER A 96 0.35 -2.11 1.04
CA SER A 96 -0.89 -1.34 0.96
CA SER A 96 -0.90 -1.32 0.99
C SER A 96 -0.61 0.05 0.41
C SER A 96 -0.61 0.06 0.42
N LEU A 97 0.49 0.69 0.90
CA LEU A 97 0.90 2.02 0.45
C LEU A 97 1.27 1.98 -1.06
N LEU A 98 2.05 0.97 -1.46
CA LEU A 98 2.40 0.87 -2.88
C LEU A 98 1.20 0.59 -3.80
N SER A 99 0.23 -0.22 -3.32
N SER A 99 0.23 -0.23 -3.34
N SER A 99 0.24 -0.22 -3.31
CA SER A 99 -0.99 -0.59 -4.06
CA SER A 99 -0.93 -0.56 -4.16
CA SER A 99 -0.96 -0.60 -4.08
C SER A 99 -1.86 0.63 -4.26
C SER A 99 -1.88 0.63 -4.27
C SER A 99 -1.86 0.64 -4.26
N PHE A 100 -2.02 1.41 -3.19
CA PHE A 100 -2.86 2.62 -3.22
C PHE A 100 -2.26 3.67 -4.15
N ALA A 101 -0.92 3.83 -4.13
CA ALA A 101 -0.23 4.77 -5.01
C ALA A 101 -0.36 4.28 -6.46
N LEU A 102 -0.26 2.97 -6.68
CA LEU A 102 -0.45 2.40 -8.03
C LEU A 102 -1.86 2.74 -8.55
N SER A 103 -2.89 2.57 -7.70
N SER A 103 -2.89 2.58 -7.71
CA SER A 103 -4.28 2.89 -8.06
CA SER A 103 -4.27 2.91 -8.09
C SER A 103 -4.41 4.38 -8.44
C SER A 103 -4.38 4.39 -8.48
N TRP A 104 -3.76 5.28 -7.68
CA TRP A 104 -3.78 6.72 -7.97
C TRP A 104 -3.12 7.02 -9.31
N ARG A 105 -1.91 6.48 -9.56
CA ARG A 105 -1.23 6.67 -10.86
C ARG A 105 -2.08 6.18 -12.02
N SER A 106 -2.69 5.00 -11.86
CA SER A 106 -3.49 4.36 -12.90
C SER A 106 -4.71 5.23 -13.25
N TYR A 107 -5.33 5.77 -12.23
CA TYR A 107 -6.49 6.65 -12.33
C TYR A 107 -6.11 7.96 -13.01
N LYS A 108 -5.04 8.61 -12.54
CA LYS A 108 -4.63 9.91 -13.10
C LYS A 108 -4.08 9.84 -14.53
N HIS A 109 -3.29 8.83 -14.84
CA HIS A 109 -2.65 8.74 -16.15
C HIS A 109 -3.43 7.99 -17.22
N THR A 110 -4.31 7.06 -16.84
CA THR A 110 -5.00 6.23 -17.85
C THR A 110 -6.51 6.15 -17.67
N ASN A 111 -7.08 6.89 -16.70
CA ASN A 111 -8.52 6.85 -16.35
C ASN A 111 -8.83 5.42 -15.88
N SER A 112 -7.84 4.79 -15.24
CA SER A 112 -7.92 3.43 -14.70
C SER A 112 -8.17 2.36 -15.75
N GLN A 113 -7.71 2.57 -17.00
CA GLN A 113 -7.81 1.54 -18.02
C GLN A 113 -6.64 0.56 -17.86
N PHE A 114 -5.50 1.05 -17.35
CA PHE A 114 -4.31 0.19 -17.22
C PHE A 114 -3.68 0.42 -15.86
N LEU A 115 -2.81 -0.51 -15.44
CA LEU A 115 -2.06 -0.33 -14.19
C LEU A 115 -0.76 0.40 -14.57
N TYR A 116 -0.65 1.67 -14.12
CA TYR A 116 0.48 2.54 -14.44
C TYR A 116 1.57 2.34 -13.38
N PHE A 117 2.35 1.27 -13.52
CA PHE A 117 3.43 1.01 -12.54
C PHE A 117 4.49 2.11 -12.55
N ALA A 118 4.86 2.51 -13.76
CA ALA A 118 5.85 3.55 -14.03
C ALA A 118 5.58 4.05 -15.47
N PRO A 119 6.12 5.22 -15.90
CA PRO A 119 5.87 5.67 -17.28
C PRO A 119 6.26 4.65 -18.35
N ASP A 120 7.28 3.83 -18.06
CA ASP A 120 7.79 2.80 -18.96
C ASP A 120 7.26 1.38 -18.68
N LEU A 121 6.23 1.25 -17.82
CA LEU A 121 5.65 -0.05 -17.46
C LEU A 121 4.16 0.12 -17.19
N VAL A 122 3.35 -0.04 -18.23
CA VAL A 122 1.90 0.19 -18.16
C VAL A 122 1.19 -1.00 -18.82
N PHE A 123 0.36 -1.73 -18.07
CA PHE A 123 -0.38 -2.87 -18.63
C PHE A 123 -1.55 -3.23 -17.71
N ASN A 124 -2.46 -4.10 -18.17
CA ASN A 124 -3.51 -4.58 -17.27
C ASN A 124 -3.56 -6.12 -17.32
N GLU A 125 -4.55 -6.73 -16.68
CA GLU A 125 -4.71 -8.19 -16.57
C GLU A 125 -4.66 -8.92 -17.92
N GLU A 126 -5.06 -8.25 -19.02
CA GLU A 126 -5.07 -8.86 -20.37
C GLU A 126 -3.69 -9.34 -20.84
N LYS A 127 -2.59 -8.77 -20.29
CA LYS A 127 -1.21 -9.18 -20.62
C LYS A 127 -0.75 -10.38 -19.79
N MET A 128 -1.52 -10.76 -18.75
CA MET A 128 -1.17 -11.87 -17.85
C MET A 128 -1.63 -13.24 -18.35
N HIS A 129 -0.68 -14.17 -18.51
CA HIS A 129 -0.95 -15.54 -18.95
C HIS A 129 -1.16 -16.47 -17.76
N GLN A 130 -0.45 -16.24 -16.62
CA GLN A 130 -0.60 -17.06 -15.42
C GLN A 130 -1.82 -16.62 -14.63
N SER A 131 -2.71 -17.58 -14.30
CA SER A 131 -3.98 -17.41 -13.60
C SER A 131 -3.91 -16.50 -12.36
N ALA A 132 -2.99 -16.78 -11.43
CA ALA A 132 -2.85 -15.99 -10.20
C ALA A 132 -2.46 -14.54 -10.51
N MET A 133 -1.51 -14.33 -11.44
CA MET A 133 -1.05 -13.00 -11.84
C MET A 133 -2.16 -12.20 -12.54
N TYR A 134 -2.96 -12.89 -13.36
CA TYR A 134 -4.12 -12.27 -14.00
C TYR A 134 -5.09 -11.83 -12.89
N GLU A 135 -5.38 -12.71 -11.91
CA GLU A 135 -6.32 -12.40 -10.83
C GLU A 135 -5.89 -11.22 -9.95
N LEU A 136 -4.59 -11.17 -9.63
CA LEU A 136 -4.07 -10.06 -8.83
C LEU A 136 -4.16 -8.75 -9.61
N CYS A 137 -3.80 -8.76 -10.91
CA CYS A 137 -3.94 -7.54 -11.74
C CYS A 137 -5.38 -7.08 -11.85
N GLN A 138 -6.29 -8.04 -12.06
CA GLN A 138 -7.72 -7.75 -12.18
C GLN A 138 -8.25 -7.12 -10.90
N GLY A 139 -7.83 -7.65 -9.74
CA GLY A 139 -8.22 -7.12 -8.44
C GLY A 139 -7.74 -5.69 -8.23
N MET A 140 -6.47 -5.42 -8.63
CA MET A 140 -5.90 -4.08 -8.55
C MET A 140 -6.66 -3.15 -9.52
N HIS A 141 -6.96 -3.64 -10.71
CA HIS A 141 -7.70 -2.87 -11.72
C HIS A 141 -9.08 -2.44 -11.14
N GLN A 142 -9.78 -3.35 -10.43
CA GLN A 142 -11.10 -3.06 -9.80
C GLN A 142 -11.01 -1.96 -8.77
N ILE A 143 -9.94 -1.93 -7.94
CA ILE A 143 -9.76 -0.83 -6.99
C ILE A 143 -9.59 0.49 -7.72
N SER A 144 -8.73 0.52 -8.75
N SER A 144 -8.73 0.51 -8.76
CA SER A 144 -8.49 1.75 -9.51
CA SER A 144 -8.49 1.75 -9.51
C SER A 144 -9.77 2.26 -10.17
C SER A 144 -9.77 2.26 -10.15
N LEU A 145 -10.65 1.34 -10.58
CA LEU A 145 -11.94 1.70 -11.17
C LEU A 145 -12.86 2.36 -10.13
N GLN A 146 -12.70 1.99 -8.84
CA GLN A 146 -13.49 2.66 -7.77
C GLN A 146 -13.09 4.12 -7.66
N PHE A 147 -11.82 4.45 -7.99
CA PHE A 147 -11.36 5.85 -7.98
C PHE A 147 -12.14 6.60 -9.07
N VAL A 148 -12.37 5.97 -10.23
CA VAL A 148 -13.17 6.59 -11.31
C VAL A 148 -14.64 6.74 -10.88
N ARG A 149 -15.20 5.68 -10.26
CA ARG A 149 -16.60 5.68 -9.77
C ARG A 149 -16.82 6.86 -8.81
N LEU A 150 -15.86 7.06 -7.89
CA LEU A 150 -15.94 8.10 -6.86
C LEU A 150 -15.46 9.46 -7.31
N GLN A 151 -14.65 9.51 -8.41
CA GLN A 151 -13.97 10.73 -8.82
C GLN A 151 -13.15 11.20 -7.59
N LEU A 152 -12.36 10.27 -7.05
CA LEU A 152 -11.52 10.51 -5.87
C LEU A 152 -10.66 11.76 -6.06
N THR A 153 -10.59 12.63 -5.05
CA THR A 153 -9.79 13.84 -5.15
C THR A 153 -8.39 13.60 -4.60
N PHE A 154 -7.41 14.44 -4.98
CA PHE A 154 -6.05 14.30 -4.42
C PHE A 154 -6.06 14.46 -2.89
N GLU A 155 -6.89 15.37 -2.36
CA GLU A 155 -7.00 15.64 -0.93
C GLU A 155 -7.50 14.40 -0.17
N GLU A 156 -8.51 13.70 -0.74
CA GLU A 156 -9.03 12.45 -0.15
C GLU A 156 -7.97 11.39 -0.20
N TYR A 157 -7.30 11.25 -1.34
CA TYR A 157 -6.25 10.26 -1.54
C TYR A 157 -5.14 10.42 -0.48
N THR A 158 -4.68 11.68 -0.26
CA THR A 158 -3.61 11.98 0.68
C THR A 158 -3.92 11.50 2.09
N ILE A 159 -5.12 11.77 2.59
CA ILE A 159 -5.50 11.35 3.95
C ILE A 159 -5.70 9.83 4.02
N MET A 160 -6.36 9.26 3.00
CA MET A 160 -6.57 7.82 2.90
C MET A 160 -5.25 7.05 2.91
N LYS A 161 -4.21 7.57 2.24
CA LYS A 161 -2.88 6.94 2.25
C LYS A 161 -2.32 6.87 3.70
N VAL A 162 -2.52 7.95 4.48
CA VAL A 162 -2.08 7.96 5.89
C VAL A 162 -2.83 6.87 6.65
N LEU A 163 -4.15 6.75 6.43
CA LEU A 163 -4.96 5.73 7.09
C LEU A 163 -4.45 4.31 6.77
N LEU A 164 -3.94 4.09 5.55
CA LEU A 164 -3.39 2.75 5.22
C LEU A 164 -2.08 2.47 5.99
N LEU A 165 -1.28 3.51 6.21
CA LEU A 165 -0.05 3.37 7.01
C LEU A 165 -0.41 2.97 8.45
N LEU A 166 -1.60 3.37 8.90
CA LEU A 166 -2.09 3.10 10.25
C LEU A 166 -3.18 2.00 10.26
N SER A 167 -3.18 1.07 9.28
CA SER A 167 -4.25 0.07 9.15
C SER A 167 -3.96 -1.34 9.72
N THR A 168 -2.72 -1.63 10.15
CA THR A 168 -2.37 -2.93 10.74
C THR A 168 -1.45 -2.72 11.93
N ILE A 169 -1.75 -3.33 13.08
CA ILE A 169 -0.90 -3.20 14.27
C ILE A 169 -0.55 -4.59 14.81
N PRO A 170 0.42 -4.73 15.75
CA PRO A 170 0.67 -6.06 16.34
C PRO A 170 -0.55 -6.53 17.14
N LYS A 171 -0.70 -7.87 17.28
CA LYS A 171 -1.79 -8.52 18.01
C LYS A 171 -1.94 -7.93 19.43
N ASP A 172 -0.80 -7.61 20.09
CA ASP A 172 -0.77 -7.05 21.44
C ASP A 172 -0.48 -5.54 21.46
N GLY A 173 -0.72 -4.88 20.33
CA GLY A 173 -0.53 -3.44 20.19
C GLY A 173 0.90 -2.98 20.02
N LEU A 174 1.06 -1.67 19.85
CA LEU A 174 2.36 -1.00 19.66
C LEU A 174 2.95 -0.59 21.01
N LYS A 175 4.23 -0.13 21.01
CA LYS A 175 4.90 0.37 22.21
C LYS A 175 4.16 1.59 22.74
N SER A 176 3.73 2.49 21.84
CA SER A 176 2.98 3.71 22.19
C SER A 176 1.59 3.59 21.59
N GLN A 177 0.81 2.61 22.09
CA GLN A 177 -0.54 2.33 21.55
C GLN A 177 -1.52 3.51 21.67
N ALA A 178 -1.44 4.30 22.77
CA ALA A 178 -2.32 5.47 22.98
C ALA A 178 -2.02 6.60 22.00
N ALA A 179 -0.72 6.91 21.76
CA ALA A 179 -0.27 7.93 20.82
C ALA A 179 -0.76 7.59 19.40
N PHE A 180 -0.62 6.31 19.01
CA PHE A 180 -1.07 5.77 17.72
C PHE A 180 -2.58 5.94 17.58
N GLU A 181 -3.38 5.52 18.61
CA GLU A 181 -4.85 5.60 18.58
C GLU A 181 -5.35 7.02 18.40
N GLU A 182 -4.70 7.99 19.06
CA GLU A 182 -5.02 9.43 18.94
C GLU A 182 -4.73 9.89 17.51
N MET A 183 -3.55 9.52 16.97
CA MET A 183 -3.14 9.87 15.62
C MET A 183 -4.16 9.33 14.59
N ARG A 184 -4.49 8.03 14.69
CA ARG A 184 -5.43 7.38 13.77
C ARG A 184 -6.82 8.07 13.83
N THR A 185 -7.34 8.33 15.05
CA THR A 185 -8.64 9.02 15.24
C THR A 185 -8.62 10.40 14.58
N ASN A 186 -7.51 11.15 14.76
CA ASN A 186 -7.32 12.48 14.18
C ASN A 186 -7.37 12.46 12.66
N TYR A 187 -6.71 11.48 12.02
CA TYR A 187 -6.77 11.37 10.55
C TYR A 187 -8.14 10.92 10.04
N ILE A 188 -8.85 10.05 10.79
CA ILE A 188 -10.21 9.63 10.41
C ILE A 188 -11.12 10.86 10.45
N LYS A 189 -11.00 11.68 11.52
CA LYS A 189 -11.78 12.91 11.69
C LYS A 189 -11.45 13.92 10.60
N GLU A 190 -10.17 14.00 10.18
CA GLU A 190 -9.72 14.90 9.11
C GLU A 190 -10.39 14.49 7.78
N LEU A 191 -10.45 13.20 7.50
CA LEU A 191 -11.11 12.74 6.28
C LEU A 191 -12.61 13.04 6.34
N ARG A 192 -13.25 12.69 7.46
CA ARG A 192 -14.69 12.90 7.65
C ARG A 192 -15.08 14.37 7.49
N LYS A 193 -14.34 15.26 8.13
CA LYS A 193 -14.62 16.70 8.05
C LYS A 193 -14.43 17.23 6.62
N MET A 194 -13.37 16.81 5.94
CA MET A 194 -13.08 17.23 4.55
C MET A 194 -14.23 16.83 3.60
N VAL A 195 -14.69 15.58 3.74
CA VAL A 195 -15.75 15.04 2.90
C VAL A 195 -17.10 15.71 3.18
N THR A 196 -17.51 15.78 4.47
CA THR A 196 -18.83 16.31 4.84
C THR A 196 -18.92 17.84 4.66
N LYS A 197 -17.79 18.55 4.73
CA LYS A 197 -17.82 20.01 4.59
C LYS A 197 -17.72 20.47 3.13
N SER A 198 -17.26 19.59 2.21
CA SER A 198 -17.11 19.96 0.81
C SER A 198 -18.44 20.18 0.07
N PRO A 199 -18.57 21.32 -0.65
CA PRO A 199 -19.80 21.60 -1.41
C PRO A 199 -19.98 20.66 -2.61
N ASN A 200 -18.90 19.97 -3.04
CA ASN A 200 -18.99 19.02 -4.14
C ASN A 200 -19.74 17.76 -3.75
N ASN A 201 -19.90 17.52 -2.43
CA ASN A 201 -20.54 16.31 -1.93
C ASN A 201 -21.93 16.54 -1.36
N SER A 202 -22.47 17.78 -1.46
CA SER A 202 -23.77 18.15 -0.89
C SER A 202 -24.85 17.15 -1.24
N GLY A 203 -25.61 16.76 -0.22
CA GLY A 203 -26.71 15.81 -0.36
C GLY A 203 -26.30 14.35 -0.17
N GLN A 204 -25.00 14.04 -0.24
CA GLN A 204 -24.52 12.66 -0.13
C GLN A 204 -23.15 12.53 0.53
N SER A 205 -22.75 13.51 1.34
CA SER A 205 -21.41 13.50 1.91
C SER A 205 -21.16 12.36 2.90
N TRP A 206 -22.13 12.04 3.78
CA TRP A 206 -21.96 10.93 4.73
C TRP A 206 -21.89 9.58 3.98
N GLN A 207 -22.75 9.39 2.94
CA GLN A 207 -22.66 8.17 2.11
C GLN A 207 -21.28 8.10 1.45
N ARG A 208 -20.75 9.23 0.97
CA ARG A 208 -19.43 9.23 0.34
C ARG A 208 -18.33 8.83 1.35
N PHE A 209 -18.37 9.40 2.57
CA PHE A 209 -17.40 9.06 3.61
C PHE A 209 -17.44 7.53 3.87
N TYR A 210 -18.65 6.95 3.94
N TYR A 210 -18.67 6.95 3.95
CA TYR A 210 -18.75 5.52 4.18
CA TYR A 210 -18.93 5.52 4.14
C TYR A 210 -18.31 4.69 2.95
C TYR A 210 -18.23 4.72 3.02
N GLN A 211 -18.37 5.25 1.74
N GLN A 211 -18.42 5.16 1.75
CA GLN A 211 -17.86 4.55 0.56
CA GLN A 211 -17.83 4.50 0.58
C GLN A 211 -16.32 4.57 0.59
C GLN A 211 -16.31 4.54 0.63
N LEU A 212 -15.73 5.68 1.07
CA LEU A 212 -14.27 5.80 1.17
C LEU A 212 -13.72 4.83 2.22
N THR A 213 -14.40 4.72 3.37
CA THR A 213 -13.95 3.82 4.43
C THR A 213 -14.17 2.34 4.02
N LYS A 214 -15.21 2.07 3.22
CA LYS A 214 -15.42 0.71 2.67
C LYS A 214 -14.28 0.39 1.69
N LEU A 215 -13.87 1.38 0.88
CA LEU A 215 -12.75 1.20 -0.06
C LEU A 215 -11.45 0.88 0.72
N LEU A 216 -11.20 1.54 1.86
CA LEU A 216 -10.03 1.28 2.71
C LEU A 216 -10.07 -0.16 3.24
N ASP A 217 -11.25 -0.61 3.70
CA ASP A 217 -11.43 -1.99 4.17
C ASP A 217 -11.16 -2.98 3.02
N SER A 218 -11.62 -2.69 1.80
N SER A 218 -11.61 -2.66 1.79
CA SER A 218 -11.42 -3.57 0.64
CA SER A 218 -11.42 -3.49 0.58
C SER A 218 -9.93 -3.71 0.26
C SER A 218 -9.94 -3.67 0.23
N MET A 219 -9.11 -2.70 0.64
CA MET A 219 -7.64 -2.74 0.42
C MET A 219 -7.04 -3.92 1.22
N HIS A 220 -7.57 -4.25 2.44
CA HIS A 220 -7.04 -5.38 3.23
C HIS A 220 -7.07 -6.71 2.46
N ASP A 221 -8.18 -6.99 1.77
CA ASP A 221 -8.38 -8.23 1.02
C ASP A 221 -7.42 -8.34 -0.16
N LEU A 222 -7.35 -7.28 -0.98
CA LEU A 222 -6.46 -7.26 -2.14
C LEU A 222 -5.00 -7.37 -1.69
N VAL A 223 -4.63 -6.54 -0.70
CA VAL A 223 -3.26 -6.50 -0.21
C VAL A 223 -2.84 -7.84 0.41
N SER A 224 -3.74 -8.52 1.15
N SER A 224 -3.73 -8.51 1.14
CA SER A 224 -3.42 -9.85 1.71
CA SER A 224 -3.42 -9.83 1.71
C SER A 224 -3.01 -10.79 0.55
C SER A 224 -3.06 -10.82 0.58
N ASP A 225 -3.78 -10.74 -0.56
CA ASP A 225 -3.53 -11.59 -1.74
C ASP A 225 -2.19 -11.27 -2.40
N LEU A 226 -1.89 -9.97 -2.54
CA LEU A 226 -0.59 -9.54 -3.11
C LEU A 226 0.55 -10.00 -2.21
N LEU A 227 0.37 -9.87 -0.89
CA LEU A 227 1.42 -10.30 0.05
C LEU A 227 1.60 -11.80 0.03
N GLU A 228 0.51 -12.58 -0.09
CA GLU A 228 0.68 -14.03 -0.17
C GLU A 228 1.57 -14.39 -1.37
N PHE A 229 1.35 -13.73 -2.51
CA PHE A 229 2.16 -13.99 -3.71
C PHE A 229 3.61 -13.57 -3.47
N CYS A 230 3.79 -12.38 -2.88
CA CYS A 230 5.09 -11.86 -2.53
C CYS A 230 5.87 -12.77 -1.56
N PHE A 231 5.21 -13.30 -0.52
CA PHE A 231 5.86 -14.19 0.46
C PHE A 231 6.30 -15.48 -0.22
N TYR A 232 5.51 -15.96 -1.17
CA TYR A 232 5.81 -17.18 -1.92
C TYR A 232 7.06 -16.96 -2.79
N THR A 233 7.08 -15.89 -3.63
CA THR A 233 8.23 -15.67 -4.52
C THR A 233 9.49 -15.34 -3.69
N PHE A 234 9.31 -14.70 -2.52
CA PHE A 234 10.44 -14.38 -1.65
C PHE A 234 11.11 -15.68 -1.15
N ARG A 235 10.31 -16.62 -0.61
CA ARG A 235 10.80 -17.91 -0.09
C ARG A 235 11.34 -18.82 -1.18
N GLU A 236 10.76 -18.76 -2.38
CA GLU A 236 11.18 -19.58 -3.52
C GLU A 236 12.03 -18.79 -4.54
N SER A 237 12.62 -17.66 -4.12
CA SER A 237 13.40 -16.76 -4.99
C SER A 237 14.44 -17.43 -5.85
N HIS A 238 15.23 -18.34 -5.28
CA HIS A 238 16.28 -19.05 -6.02
C HIS A 238 15.69 -19.93 -7.12
N ALA A 239 14.76 -20.85 -6.74
CA ALA A 239 14.08 -21.78 -7.66
C ALA A 239 13.27 -21.03 -8.75
N LEU A 240 12.52 -19.96 -8.36
CA LEU A 240 11.73 -19.21 -9.32
C LEU A 240 12.53 -18.18 -10.09
N LYS A 241 13.72 -17.83 -9.59
CA LYS A 241 14.61 -16.80 -10.15
C LYS A 241 13.95 -15.40 -10.02
N VAL A 242 13.27 -15.16 -8.88
CA VAL A 242 12.64 -13.85 -8.64
C VAL A 242 13.58 -13.05 -7.74
N GLU A 243 14.07 -11.90 -8.22
CA GLU A 243 15.00 -11.07 -7.46
C GLU A 243 14.30 -10.03 -6.61
N PHE A 244 14.89 -9.71 -5.46
CA PHE A 244 14.40 -8.70 -4.54
C PHE A 244 15.55 -7.73 -4.20
N PRO A 245 15.28 -6.40 -4.13
CA PRO A 245 16.32 -5.45 -3.68
C PRO A 245 16.48 -5.52 -2.15
N ALA A 246 17.62 -5.03 -1.63
CA ALA A 246 17.93 -5.07 -0.19
C ALA A 246 16.80 -4.49 0.67
N MET A 247 16.19 -3.37 0.25
CA MET A 247 15.09 -2.76 1.04
C MET A 247 13.96 -3.76 1.30
N LEU A 248 13.56 -4.52 0.28
CA LEU A 248 12.50 -5.50 0.41
C LEU A 248 12.93 -6.78 1.12
N VAL A 249 14.17 -7.23 0.90
CA VAL A 249 14.67 -8.41 1.62
C VAL A 249 14.57 -8.12 3.12
N GLU A 250 15.03 -6.93 3.54
CA GLU A 250 15.02 -6.58 4.95
C GLU A 250 13.58 -6.46 5.51
N ILE A 251 12.69 -5.77 4.79
CA ILE A 251 11.30 -5.61 5.25
C ILE A 251 10.58 -6.97 5.34
N ILE A 252 10.62 -7.77 4.26
CA ILE A 252 9.93 -9.07 4.23
C ILE A 252 10.49 -10.02 5.30
N SER A 253 11.83 -10.03 5.49
CA SER A 253 12.43 -10.87 6.54
C SER A 253 11.87 -10.57 7.93
N ASP A 254 11.53 -9.31 8.22
CA ASP A 254 10.94 -8.95 9.52
C ASP A 254 9.42 -9.12 9.55
N GLN A 255 8.76 -8.84 8.41
CA GLN A 255 7.30 -8.89 8.31
C GLN A 255 6.75 -10.31 8.33
N LEU A 256 7.36 -11.19 7.52
CA LEU A 256 6.90 -12.58 7.34
C LEU A 256 6.76 -13.36 8.66
N PRO A 257 7.75 -13.38 9.59
CA PRO A 257 7.54 -14.11 10.87
C PRO A 257 6.38 -13.53 11.67
N LYS A 258 6.13 -12.22 11.56
CA LYS A 258 5.01 -11.59 12.27
C LYS A 258 3.68 -12.09 11.73
N VAL A 259 3.54 -12.05 10.40
CA VAL A 259 2.33 -12.50 9.68
C VAL A 259 2.11 -14.00 9.90
N GLU A 260 3.18 -14.83 9.76
CA GLU A 260 3.10 -16.29 9.95
C GLU A 260 2.66 -16.72 11.36
N SER A 261 3.08 -15.97 12.39
CA SER A 261 2.77 -16.30 13.79
C SER A 261 1.41 -15.75 14.25
N GLY A 262 0.71 -15.07 13.34
CA GLY A 262 -0.58 -14.44 13.61
C GLY A 262 -0.47 -13.17 14.43
N ASN A 263 0.72 -12.54 14.40
CA ASN A 263 1.01 -11.30 15.11
C ASN A 263 0.77 -10.12 14.16
N ALA A 264 -0.47 -10.02 13.66
CA ALA A 264 -0.87 -8.98 12.72
C ALA A 264 -2.35 -8.76 12.91
N LYS A 265 -2.71 -7.56 13.34
CA LYS A 265 -4.10 -7.21 13.61
C LYS A 265 -4.58 -6.14 12.61
N PRO A 266 -5.33 -6.54 11.56
CA PRO A 266 -5.85 -5.52 10.63
C PRO A 266 -6.98 -4.74 11.28
N LEU A 267 -7.00 -3.43 11.04
CA LEU A 267 -8.01 -2.52 11.58
C LEU A 267 -9.02 -2.22 10.49
N TYR A 268 -10.32 -2.45 10.81
CA TYR A 268 -11.40 -2.22 9.86
C TYR A 268 -12.33 -1.13 10.32
N PHE A 269 -12.95 -0.46 9.34
CA PHE A 269 -13.96 0.56 9.66
C PHE A 269 -15.33 -0.09 9.79
N HIS A 270 -15.60 -1.13 8.99
CA HIS A 270 -16.92 -1.79 8.92
C HIS A 270 -16.94 -3.29 9.24
N ARG A 271 -15.80 -3.86 9.63
CA ARG A 271 -15.72 -5.29 10.01
C ARG A 271 -15.23 -5.47 11.45
N GLN B 4 23.87 -4.96 15.64
CA GLN B 4 24.68 -3.74 15.51
C GLN B 4 24.35 -2.96 14.23
N GLN B 5 24.50 -3.58 13.02
CA GLN B 5 24.20 -2.94 11.74
C GLN B 5 22.71 -2.64 11.61
N LYS B 6 22.41 -1.38 11.26
CA LYS B 6 21.05 -0.88 11.09
C LYS B 6 20.44 -1.28 9.74
N SER B 7 19.13 -1.56 9.73
CA SER B 7 18.41 -1.87 8.49
C SER B 7 18.35 -0.58 7.66
N LEU B 8 18.06 -0.68 6.36
CA LEU B 8 17.89 0.49 5.50
C LEU B 8 16.71 1.36 5.98
N LEU B 9 15.64 0.70 6.44
CA LEU B 9 14.45 1.40 6.95
C LEU B 9 14.84 2.24 8.17
N GLN B 10 15.59 1.65 9.12
CA GLN B 10 16.04 2.38 10.30
C GLN B 10 16.95 3.56 9.91
N GLN B 11 17.85 3.36 8.93
CA GLN B 11 18.75 4.41 8.44
C GLN B 11 17.99 5.61 7.87
N LEU B 12 17.00 5.34 6.98
CA LEU B 12 16.19 6.38 6.35
C LEU B 12 15.31 7.11 7.36
N LEU B 13 14.79 6.41 8.38
CA LEU B 13 13.97 7.02 9.42
C LEU B 13 14.78 7.88 10.40
N THR B 14 16.08 7.60 10.55
CA THR B 14 16.93 8.31 11.51
C THR B 14 17.92 9.32 10.90
N GLU B 15 18.12 9.31 9.56
CA GLU B 15 19.07 10.23 8.91
C GLU B 15 18.59 11.71 8.90
#